data_4PF3
#
_entry.id   4PF3
#
_cell.length_a   58.050
_cell.length_b   66.365
_cell.length_c   74.908
_cell.angle_alpha   90.00
_cell.angle_beta   90.00
_cell.angle_gamma   90.00
#
_symmetry.space_group_name_H-M   'P 21 21 21'
#
loop_
_entity.id
_entity.type
_entity.pdbx_description
1 polymer 'Mineralocorticoid receptor'
2 non-polymer 6-[1-(2,2-difluoro-3-hydroxypropyl)-5-(4-fluorophenyl)-3-methyl-1H-pyrazol-4-yl]-2H-1,4-benzoxazin-3(4H)-one
3 non-polymer 1,2-ETHANEDIOL
4 water water
#
_entity_poly.entity_id   1
_entity_poly.type   'polypeptide(L)'
_entity_poly.pdbx_seq_one_letter_code
;GSAPAKEPSVNTALVPQLSTISRALTPSPVMVLENIEPEIVYAGYDSSKPDTAENLLSTLNRLAGKQMIQVVKWAKVLPG
FKNLPLEDQITLIQYSWMSLLSFALSWRSYKHTNSQFLYFAPDLVFNEEKMHQSAMYELCQGMHQISLQFVRLQLTFEEY
TIMKVLLLLSTIPKDGLKSQAAFEEMRTNYIKELRKMVTKCPNNSGQSWQRFYQLTKLLDSMHDLVSDLLEFCFYTFRES
HALKVEFPAMLVEIISDQLPKVESGNVKPLYFHRK
;
_entity_poly.pdbx_strand_id   A
#
loop_
_chem_comp.id
_chem_comp.type
_chem_comp.name
_chem_comp.formula
EDO non-polymer 1,2-ETHANEDIOL 'C2 H6 O2'
HFN non-polymer 6-[1-(2,2-difluoro-3-hydroxypropyl)-5-(4-fluorophenyl)-3-methyl-1H-pyrazol-4-yl]-2H-1,4-benzoxazin-3(4H)-one 'C21 H18 F3 N3 O3'
#
# COMPACT_ATOMS: atom_id res chain seq x y z
N THR A 26 -7.95 -21.75 18.33
CA THR A 26 -6.96 -21.39 17.27
C THR A 26 -7.43 -20.22 16.41
N PRO A 27 -6.69 -19.08 16.46
CA PRO A 27 -7.14 -17.93 15.68
C PRO A 27 -7.12 -18.17 14.17
N SER A 28 -8.14 -17.65 13.50
CA SER A 28 -8.17 -17.64 12.05
C SER A 28 -7.12 -16.67 11.49
N PRO A 29 -6.72 -16.84 10.20
CA PRO A 29 -5.87 -15.81 9.59
C PRO A 29 -6.40 -14.38 9.76
N VAL A 30 -7.69 -14.17 9.57
CA VAL A 30 -8.25 -12.84 9.73
C VAL A 30 -8.09 -12.28 11.16
N MET A 31 -8.25 -13.12 12.17
CA MET A 31 -8.02 -12.69 13.55
C MET A 31 -6.54 -12.31 13.75
N VAL A 32 -5.64 -13.10 13.18
CA VAL A 32 -4.23 -12.77 13.28
C VAL A 32 -3.97 -11.43 12.59
N LEU A 33 -4.54 -11.22 11.40
CA LEU A 33 -4.33 -9.95 10.69
C LEU A 33 -4.73 -8.75 11.53
N GLU A 34 -5.83 -8.88 12.29
CA GLU A 34 -6.22 -7.78 13.15
C GLU A 34 -5.16 -7.57 14.23
N ASN A 35 -4.69 -8.66 14.83
CA ASN A 35 -3.73 -8.57 15.91
C ASN A 35 -2.40 -7.95 15.50
N ILE A 36 -1.97 -8.22 14.25
CA ILE A 36 -0.66 -7.77 13.81
C ILE A 36 -0.70 -6.44 13.06
N GLU A 37 -1.89 -5.89 12.82
CA GLU A 37 -1.98 -4.64 12.06
C GLU A 37 -1.16 -3.56 12.76
N PRO A 38 -0.26 -2.85 12.05
CA PRO A 38 0.56 -1.85 12.72
C PRO A 38 -0.27 -0.72 13.31
N GLU A 39 0.12 -0.28 14.51
CA GLU A 39 -0.52 0.88 15.11
C GLU A 39 -0.24 2.16 14.31
N ILE A 40 -1.16 3.10 14.39
CA ILE A 40 -0.96 4.42 13.77
C ILE A 40 0.21 5.13 14.45
N VAL A 41 1.06 5.74 13.67
CA VAL A 41 2.20 6.52 14.15
C VAL A 41 2.08 7.99 13.78
N TYR A 42 2.81 8.82 14.52
CA TYR A 42 2.92 10.24 14.22
C TYR A 42 3.99 10.49 13.18
N ALA A 43 3.79 11.54 12.39
CA ALA A 43 4.77 11.94 11.37
C ALA A 43 5.92 12.76 11.89
N GLY A 44 5.79 13.30 13.11
CA GLY A 44 6.75 14.32 13.55
C GLY A 44 6.65 15.62 12.77
N TYR A 45 5.44 15.99 12.37
CA TYR A 45 5.22 17.26 11.70
C TYR A 45 5.61 18.42 12.62
N ASP A 46 6.43 19.32 12.10
CA ASP A 46 6.95 20.45 12.86
C ASP A 46 6.26 21.72 12.41
N SER A 47 5.34 22.21 13.25
CA SER A 47 4.61 23.46 13.00
C SER A 47 5.47 24.73 12.97
N SER A 48 6.72 24.63 13.43
CA SER A 48 7.62 25.78 13.47
C SER A 48 8.36 25.99 12.15
N LYS A 49 8.16 25.06 11.22
CA LYS A 49 8.76 25.17 9.89
C LYS A 49 7.66 25.48 8.87
N PRO A 50 7.98 26.26 7.82
CA PRO A 50 7.01 26.55 6.76
C PRO A 50 6.63 25.33 5.93
N ASP A 51 5.40 25.36 5.40
CA ASP A 51 4.87 24.29 4.59
C ASP A 51 5.32 24.42 3.15
N THR A 52 6.63 24.46 2.96
CA THR A 52 7.23 24.37 1.65
C THR A 52 7.07 22.93 1.16
N ALA A 53 7.16 22.74 -0.15
CA ALA A 53 7.12 21.38 -0.68
C ALA A 53 8.26 20.55 -0.12
N GLU A 54 9.44 21.15 0.02
CA GLU A 54 10.60 20.40 0.48
C GLU A 54 10.38 19.89 1.91
N ASN A 55 9.84 20.74 2.77
CA ASN A 55 9.56 20.34 4.14
C ASN A 55 8.46 19.28 4.21
N LEU A 56 7.38 19.49 3.45
CA LEU A 56 6.29 18.52 3.46
C LEU A 56 6.72 17.16 2.91
N LEU A 57 7.44 17.15 1.79
CA LEU A 57 7.89 15.89 1.22
C LEU A 57 8.88 15.20 2.14
N SER A 58 9.80 15.95 2.73
CA SER A 58 10.75 15.32 3.66
C SER A 58 10.02 14.67 4.84
N THR A 59 8.98 15.35 5.35
CA THR A 59 8.16 14.81 6.44
C THR A 59 7.44 13.51 6.02
N LEU A 60 6.84 13.53 4.83
CA LEU A 60 6.19 12.33 4.30
C LEU A 60 7.19 11.20 4.16
N ASN A 61 8.40 11.51 3.70
CA ASN A 61 9.38 10.46 3.50
C ASN A 61 9.80 9.84 4.82
N ARG A 62 9.98 10.67 5.86
CA ARG A 62 10.27 10.14 7.21
C ARG A 62 9.13 9.28 7.73
N LEU A 63 7.89 9.75 7.53
CA LEU A 63 6.74 8.96 7.95
C LEU A 63 6.71 7.60 7.25
N ALA A 64 6.98 7.60 5.94
CA ALA A 64 7.03 6.35 5.20
C ALA A 64 8.16 5.46 5.72
N GLY A 65 9.30 6.05 6.09
CA GLY A 65 10.36 5.22 6.66
C GLY A 65 9.94 4.54 7.95
N LYS A 66 9.29 5.29 8.83
CA LYS A 66 8.79 4.74 10.09
CA LYS A 66 8.81 4.73 10.09
C LYS A 66 7.79 3.62 9.85
N GLN A 67 6.89 3.85 8.91
CA GLN A 67 5.87 2.88 8.58
C GLN A 67 6.45 1.64 7.90
N MET A 68 7.51 1.80 7.09
CA MET A 68 8.13 0.64 6.47
C MET A 68 8.86 -0.26 7.47
N ILE A 69 9.44 0.32 8.52
CA ILE A 69 9.99 -0.50 9.59
C ILE A 69 8.84 -1.34 10.19
N GLN A 70 7.69 -0.70 10.41
CA GLN A 70 6.51 -1.46 10.88
C GLN A 70 6.09 -2.57 9.90
N VAL A 71 6.11 -2.28 8.60
CA VAL A 71 5.76 -3.26 7.60
C VAL A 71 6.66 -4.48 7.69
N VAL A 72 7.96 -4.27 7.89
CA VAL A 72 8.86 -5.41 7.98
C VAL A 72 8.51 -6.28 9.19
N LYS A 73 8.22 -5.64 10.34
CA LYS A 73 7.83 -6.40 11.53
C LYS A 73 6.51 -7.15 11.31
N TRP A 74 5.55 -6.51 10.64
CA TRP A 74 4.27 -7.12 10.31
C TRP A 74 4.45 -8.33 9.41
N ALA A 75 5.31 -8.18 8.41
CA ALA A 75 5.54 -9.25 7.45
C ALA A 75 6.15 -10.48 8.12
N LYS A 76 6.95 -10.29 9.18
CA LYS A 76 7.55 -11.41 9.93
C LYS A 76 6.47 -12.35 10.49
N VAL A 77 5.34 -11.78 10.90
CA VAL A 77 4.28 -12.54 11.57
C VAL A 77 3.00 -12.68 10.73
N LEU A 78 3.09 -12.37 9.45
CA LEU A 78 1.97 -12.47 8.56
C LEU A 78 1.74 -13.94 8.19
N PRO A 79 0.52 -14.49 8.45
CA PRO A 79 0.30 -15.92 8.19
C PRO A 79 0.69 -16.30 6.76
N GLY A 80 1.52 -17.34 6.65
CA GLY A 80 1.96 -17.88 5.38
C GLY A 80 3.27 -17.28 4.85
N PHE A 81 3.61 -16.05 5.25
CA PHE A 81 4.69 -15.36 4.56
C PHE A 81 6.05 -16.00 4.83
N LYS A 82 6.22 -16.54 6.04
CA LYS A 82 7.50 -17.14 6.40
C LYS A 82 7.78 -18.42 5.61
N ASN A 83 6.77 -18.93 4.91
CA ASN A 83 6.96 -20.12 4.09
C ASN A 83 7.52 -19.82 2.69
N LEU A 84 7.61 -18.55 2.35
CA LEU A 84 8.32 -18.15 1.15
CA LEU A 84 8.30 -18.14 1.15
C LEU A 84 9.79 -18.01 1.47
N PRO A 85 10.67 -18.27 0.49
CA PRO A 85 12.09 -18.00 0.72
C PRO A 85 12.31 -16.57 1.22
N LEU A 86 13.28 -16.37 2.10
CA LEU A 86 13.56 -15.04 2.64
C LEU A 86 13.80 -14.02 1.51
N GLU A 87 14.57 -14.40 0.49
CA GLU A 87 14.84 -13.48 -0.59
C GLU A 87 13.55 -13.02 -1.27
N ASP A 88 12.56 -13.92 -1.38
CA ASP A 88 11.26 -13.57 -1.96
C ASP A 88 10.45 -12.67 -1.04
N GLN A 89 10.54 -12.91 0.26
CA GLN A 89 9.85 -12.02 1.21
C GLN A 89 10.37 -10.58 1.04
N ILE A 90 11.68 -10.43 0.99
CA ILE A 90 12.31 -9.12 0.81
C ILE A 90 11.90 -8.51 -0.53
N THR A 91 11.99 -9.29 -1.61
CA THR A 91 11.60 -8.82 -2.92
C THR A 91 10.18 -8.30 -2.90
N LEU A 92 9.25 -9.07 -2.32
CA LEU A 92 7.83 -8.70 -2.37
C LEU A 92 7.56 -7.41 -1.61
N ILE A 93 8.21 -7.24 -0.44
CA ILE A 93 8.07 -5.98 0.27
C ILE A 93 8.58 -4.82 -0.59
N GLN A 94 9.73 -5.01 -1.22
CA GLN A 94 10.31 -3.94 -2.05
C GLN A 94 9.50 -3.63 -3.30
N TYR A 95 8.80 -4.64 -3.83
CA TYR A 95 7.97 -4.47 -5.01
C TYR A 95 6.60 -3.87 -4.68
N SER A 96 6.20 -3.87 -3.40
CA SER A 96 4.84 -3.45 -3.04
C SER A 96 4.79 -2.32 -2.02
N TRP A 97 5.94 -1.83 -1.53
CA TRP A 97 5.93 -0.94 -0.38
C TRP A 97 5.00 0.25 -0.56
N MET A 98 5.04 0.92 -1.71
CA MET A 98 4.25 2.11 -1.90
C MET A 98 2.77 1.75 -1.94
N SER A 99 2.43 0.58 -2.48
CA SER A 99 1.06 0.15 -2.48
CA SER A 99 1.05 0.06 -2.47
C SER A 99 0.55 -0.12 -1.06
N LEU A 100 1.35 -0.80 -0.24
CA LEU A 100 0.97 -1.06 1.14
C LEU A 100 0.74 0.24 1.89
N LEU A 101 1.69 1.17 1.79
CA LEU A 101 1.57 2.41 2.52
C LEU A 101 0.38 3.22 2.04
N SER A 102 0.14 3.23 0.73
CA SER A 102 -0.94 4.02 0.17
C SER A 102 -2.31 3.43 0.56
N PHE A 103 -2.41 2.10 0.56
CA PHE A 103 -3.66 1.47 0.94
C PHE A 103 -3.98 1.75 2.42
N ALA A 104 -2.97 1.71 3.28
CA ALA A 104 -3.16 2.07 4.69
C ALA A 104 -3.55 3.54 4.84
N LEU A 105 -2.97 4.42 4.03
CA LEU A 105 -3.33 5.84 4.03
C LEU A 105 -4.81 6.01 3.69
N SER A 106 -5.26 5.30 2.67
CA SER A 106 -6.67 5.36 2.30
C SER A 106 -7.57 4.88 3.46
N TRP A 107 -7.18 3.77 4.09
CA TRP A 107 -7.95 3.28 5.22
C TRP A 107 -8.03 4.30 6.35
N ARG A 108 -6.90 4.89 6.72
CA ARG A 108 -6.92 5.86 7.81
C ARG A 108 -7.81 7.04 7.44
N SER A 109 -7.70 7.49 6.20
CA SER A 109 -8.49 8.64 5.72
C SER A 109 -9.99 8.33 5.81
N TYR A 110 -10.37 7.12 5.38
CA TYR A 110 -11.75 6.65 5.44
C TYR A 110 -12.24 6.52 6.88
N LYS A 111 -11.48 5.81 7.70
CA LYS A 111 -11.89 5.55 9.07
C LYS A 111 -11.96 6.82 9.91
N HIS A 112 -10.94 7.66 9.82
CA HIS A 112 -10.80 8.80 10.73
C HIS A 112 -11.40 10.09 10.23
N THR A 113 -11.67 10.21 8.94
CA THR A 113 -12.25 11.45 8.40
C THR A 113 -13.41 11.21 7.44
N ASN A 114 -13.84 9.96 7.28
CA ASN A 114 -14.83 9.60 6.26
C ASN A 114 -14.39 10.09 4.89
N SER A 115 -13.07 10.01 4.66
CA SER A 115 -12.47 10.38 3.40
C SER A 115 -12.67 11.85 2.99
N GLN A 116 -12.86 12.72 3.98
CA GLN A 116 -12.87 14.16 3.74
C GLN A 116 -11.46 14.70 3.53
N PHE A 117 -10.47 14.09 4.20
CA PHE A 117 -9.09 14.55 4.17
C PHE A 117 -8.18 13.34 3.94
N LEU A 118 -6.92 13.62 3.63
CA LEU A 118 -5.88 12.57 3.62
C LEU A 118 -5.23 12.53 4.98
N TYR A 119 -5.50 11.46 5.72
CA TYR A 119 -5.04 11.33 7.10
C TYR A 119 -3.70 10.60 7.12
N PHE A 120 -2.63 11.34 6.84
CA PHE A 120 -1.30 10.73 6.86
C PHE A 120 -0.94 10.23 8.25
N ALA A 121 -1.25 11.06 9.25
CA ALA A 121 -0.96 10.73 10.65
C ALA A 121 -1.81 11.69 11.49
N PRO A 122 -1.92 11.45 12.79
CA PRO A 122 -2.76 12.37 13.59
C PRO A 122 -2.27 13.81 13.55
N ASP A 123 -0.96 13.98 13.32
CA ASP A 123 -0.33 15.30 13.29
C ASP A 123 -0.10 15.78 11.85
N LEU A 124 -0.65 15.06 10.87
CA LEU A 124 -0.41 15.42 9.47
C LEU A 124 -1.62 15.03 8.64
N VAL A 125 -2.55 15.98 8.50
CA VAL A 125 -3.80 15.75 7.81
C VAL A 125 -3.89 16.78 6.68
N PHE A 126 -4.02 16.31 5.45
CA PHE A 126 -4.03 17.18 4.29
C PHE A 126 -5.45 17.52 3.85
N ASN A 127 -5.68 18.82 3.69
CA ASN A 127 -6.78 19.35 2.91
C ASN A 127 -6.23 19.76 1.54
N GLU A 128 -7.05 20.42 0.73
CA GLU A 128 -6.62 20.84 -0.58
C GLU A 128 -5.40 21.78 -0.56
N GLU A 129 -5.36 22.69 0.42
CA GLU A 129 -4.21 23.58 0.54
C GLU A 129 -2.89 22.80 0.67
N LYS A 130 -2.87 21.83 1.57
CA LYS A 130 -1.69 21.02 1.77
C LYS A 130 -1.33 20.20 0.53
N MET A 131 -2.35 19.70 -0.16
CA MET A 131 -2.12 18.98 -1.41
C MET A 131 -1.37 19.86 -2.41
N HIS A 132 -1.79 21.12 -2.55
CA HIS A 132 -1.04 22.03 -3.41
C HIS A 132 0.36 22.33 -2.89
N GLN A 133 0.46 22.58 -1.58
CA GLN A 133 1.74 22.97 -0.98
C GLN A 133 2.80 21.87 -1.14
N SER A 134 2.34 20.61 -1.20
CA SER A 134 3.25 19.47 -1.30
C SER A 134 3.91 19.33 -2.67
N ALA A 135 3.40 20.04 -3.66
CA ALA A 135 3.82 19.94 -5.07
C ALA A 135 3.36 18.62 -5.70
N MET A 136 2.47 17.91 -5.03
CA MET A 136 1.91 16.64 -5.48
C MET A 136 0.40 16.63 -5.53
N TYR A 137 -0.21 17.74 -5.92
CA TYR A 137 -1.66 17.84 -5.88
C TYR A 137 -2.36 16.70 -6.61
N GLU A 138 -1.98 16.48 -7.86
CA GLU A 138 -2.70 15.48 -8.67
C GLU A 138 -2.50 14.05 -8.15
N LEU A 139 -1.30 13.76 -7.64
CA LEU A 139 -1.08 12.45 -7.02
C LEU A 139 -1.94 12.28 -5.77
N CYS A 140 -1.99 13.32 -4.94
CA CYS A 140 -2.85 13.28 -3.77
C CYS A 140 -4.31 13.11 -4.16
N GLN A 141 -4.72 13.77 -5.24
CA GLN A 141 -6.10 13.62 -5.71
C GLN A 141 -6.40 12.17 -6.11
N GLY A 142 -5.44 11.51 -6.75
CA GLY A 142 -5.63 10.11 -7.11
C GLY A 142 -5.77 9.24 -5.86
N MET A 143 -4.98 9.54 -4.84
CA MET A 143 -5.11 8.82 -3.58
C MET A 143 -6.47 9.07 -2.92
N HIS A 144 -6.91 10.32 -2.94
CA HIS A 144 -8.20 10.67 -2.39
C HIS A 144 -9.34 9.91 -3.10
N GLN A 145 -9.22 9.71 -4.40
CA GLN A 145 -10.22 8.93 -5.15
C GLN A 145 -10.34 7.51 -4.62
N ILE A 146 -9.22 6.86 -4.28
CA ILE A 146 -9.27 5.53 -3.68
C ILE A 146 -10.02 5.60 -2.35
N SER A 147 -9.72 6.61 -1.52
CA SER A 147 -10.40 6.68 -0.24
CA SER A 147 -10.39 6.80 -0.23
C SER A 147 -11.90 6.93 -0.42
N LEU A 148 -12.29 7.65 -1.47
CA LEU A 148 -13.72 7.83 -1.73
C LEU A 148 -14.38 6.53 -2.17
N GLN A 149 -13.64 5.66 -2.88
CA GLN A 149 -14.16 4.34 -3.19
C GLN A 149 -14.41 3.51 -1.92
N PHE A 150 -13.58 3.71 -0.89
CA PHE A 150 -13.84 3.01 0.38
C PHE A 150 -15.19 3.43 0.95
N VAL A 151 -15.53 4.72 0.85
CA VAL A 151 -16.84 5.19 1.29
C VAL A 151 -17.95 4.61 0.44
N ARG A 152 -17.80 4.64 -0.89
CA ARG A 152 -18.83 4.09 -1.77
C ARG A 152 -19.12 2.61 -1.44
N LEU A 153 -18.07 1.84 -1.19
CA LEU A 153 -18.20 0.43 -0.90
C LEU A 153 -18.52 0.10 0.53
N GLN A 154 -18.34 1.07 1.44
CA GLN A 154 -18.35 0.79 2.88
C GLN A 154 -17.43 -0.38 3.17
N LEU A 155 -16.17 -0.22 2.74
CA LEU A 155 -15.17 -1.26 2.93
C LEU A 155 -15.07 -1.64 4.42
N THR A 156 -14.97 -2.93 4.72
CA THR A 156 -14.84 -3.33 6.11
C THR A 156 -13.38 -3.52 6.47
N PHE A 157 -13.09 -3.53 7.77
CA PHE A 157 -11.73 -3.70 8.25
C PHE A 157 -11.18 -5.05 7.80
N GLU A 158 -12.01 -6.11 7.85
CA GLU A 158 -11.54 -7.45 7.45
C GLU A 158 -11.23 -7.49 5.96
N GLU A 159 -12.09 -6.86 5.14
CA GLU A 159 -11.77 -6.75 3.70
C GLU A 159 -10.44 -6.03 3.51
N TYR A 160 -10.26 -4.91 4.20
CA TYR A 160 -9.04 -4.13 4.14
C TYR A 160 -7.81 -4.97 4.49
N THR A 161 -7.87 -5.71 5.60
CA THR A 161 -6.65 -6.43 6.01
C THR A 161 -6.29 -7.52 4.99
N ILE A 162 -7.28 -8.24 4.46
CA ILE A 162 -7.00 -9.26 3.46
CA ILE A 162 -6.98 -9.26 3.46
C ILE A 162 -6.47 -8.62 2.17
N MET A 163 -7.13 -7.54 1.75
CA MET A 163 -6.71 -6.85 0.53
C MET A 163 -5.29 -6.35 0.63
N LYS A 164 -4.89 -5.88 1.81
CA LYS A 164 -3.52 -5.39 1.98
C LYS A 164 -2.52 -6.52 1.74
N VAL A 165 -2.82 -7.73 2.21
CA VAL A 165 -1.95 -8.86 1.91
C VAL A 165 -1.92 -9.11 0.41
N LEU A 166 -3.08 -9.02 -0.26
CA LEU A 166 -3.07 -9.20 -1.69
C LEU A 166 -2.19 -8.17 -2.38
N LEU A 167 -2.13 -6.94 -1.88
CA LEU A 167 -1.22 -5.93 -2.44
C LEU A 167 0.25 -6.32 -2.24
N LEU A 168 0.61 -6.89 -1.09
CA LEU A 168 1.96 -7.39 -0.86
C LEU A 168 2.33 -8.41 -1.93
N LEU A 169 1.33 -9.14 -2.44
CA LEU A 169 1.52 -10.22 -3.40
C LEU A 169 1.09 -9.80 -4.83
N SER A 170 1.06 -8.51 -5.14
CA SER A 170 0.49 -7.97 -6.38
CA SER A 170 0.49 -8.11 -6.42
C SER A 170 1.48 -7.64 -7.48
N THR A 171 2.76 -7.57 -7.13
CA THR A 171 3.78 -7.14 -8.09
C THR A 171 4.99 -8.02 -7.92
N ILE A 172 5.45 -8.63 -9.02
CA ILE A 172 6.52 -9.60 -8.92
C ILE A 172 7.62 -9.27 -9.91
N PRO A 173 8.84 -9.80 -9.70
CA PRO A 173 9.86 -9.69 -10.74
C PRO A 173 9.44 -10.43 -11.99
N LYS A 174 9.78 -9.88 -13.15
CA LYS A 174 9.51 -10.52 -14.40
C LYS A 174 10.40 -11.72 -14.65
N ASP A 175 11.57 -11.76 -14.00
CA ASP A 175 12.50 -12.86 -14.20
C ASP A 175 12.48 -13.92 -13.12
N GLY A 176 11.46 -13.87 -12.24
CA GLY A 176 11.13 -15.00 -11.38
C GLY A 176 11.44 -14.81 -9.90
N LEU A 177 10.51 -15.23 -9.06
CA LEU A 177 10.79 -15.44 -7.65
C LEU A 177 11.60 -16.73 -7.50
N LYS A 178 12.23 -16.86 -6.33
CA LYS A 178 12.92 -18.09 -6.02
C LYS A 178 11.98 -19.28 -5.97
N SER A 179 10.79 -19.09 -5.40
CA SER A 179 9.78 -20.14 -5.36
C SER A 179 8.45 -19.68 -5.93
N GLN A 180 8.21 -19.98 -7.21
CA GLN A 180 6.92 -19.72 -7.82
C GLN A 180 5.83 -20.47 -7.05
N ALA A 181 6.10 -21.73 -6.71
CA ALA A 181 5.10 -22.55 -6.05
C ALA A 181 4.66 -21.93 -4.72
N ALA A 182 5.62 -21.52 -3.89
CA ALA A 182 5.23 -21.00 -2.56
C ALA A 182 4.45 -19.71 -2.71
N PHE A 183 4.86 -18.86 -3.66
CA PHE A 183 4.16 -17.61 -3.88
C PHE A 183 2.72 -17.84 -4.36
N GLU A 184 2.54 -18.71 -5.35
CA GLU A 184 1.22 -18.98 -5.87
C GLU A 184 0.32 -19.56 -4.80
N GLU A 185 0.86 -20.44 -3.95
CA GLU A 185 0.05 -21.00 -2.88
C GLU A 185 -0.46 -19.91 -1.95
N MET A 186 0.45 -19.02 -1.51
CA MET A 186 0.04 -17.97 -0.57
C MET A 186 -0.95 -17.03 -1.23
N ARG A 187 -0.68 -16.62 -2.46
CA ARG A 187 -1.59 -15.70 -3.13
C ARG A 187 -2.97 -16.32 -3.32
N THR A 188 -2.99 -17.59 -3.77
CA THR A 188 -4.25 -18.30 -3.91
C THR A 188 -5.00 -18.37 -2.58
N ASN A 189 -4.29 -18.67 -1.50
CA ASN A 189 -4.92 -18.73 -0.19
C ASN A 189 -5.58 -17.42 0.20
N TYR A 190 -4.90 -16.30 -0.02
CA TYR A 190 -5.48 -15.01 0.35
C TYR A 190 -6.61 -14.59 -0.58
N ILE A 191 -6.54 -14.95 -1.86
CA ILE A 191 -7.68 -14.71 -2.75
C ILE A 191 -8.90 -15.49 -2.21
N LYS A 192 -8.68 -16.74 -1.83
CA LYS A 192 -9.75 -17.57 -1.29
C LYS A 192 -10.27 -16.98 0.02
N GLU A 193 -9.40 -16.42 0.87
CA GLU A 193 -9.86 -15.77 2.11
C GLU A 193 -10.80 -14.62 1.78
N LEU A 194 -10.44 -13.80 0.80
CA LEU A 194 -11.30 -12.67 0.45
C LEU A 194 -12.61 -13.18 -0.11
N ARG A 195 -12.54 -14.14 -1.01
CA ARG A 195 -13.75 -14.66 -1.65
C ARG A 195 -14.68 -15.25 -0.63
N LYS A 196 -14.14 -16.03 0.29
CA LYS A 196 -14.96 -16.67 1.29
C LYS A 196 -15.60 -15.64 2.20
N MET A 197 -14.81 -14.66 2.64
CA MET A 197 -15.31 -13.61 3.53
CA MET A 197 -15.24 -13.53 3.47
C MET A 197 -16.47 -12.85 2.86
N VAL A 198 -16.28 -12.43 1.64
CA VAL A 198 -17.27 -11.62 0.97
C VAL A 198 -18.54 -12.42 0.63
N THR A 199 -18.36 -13.63 0.09
CA THR A 199 -19.50 -14.41 -0.37
C THR A 199 -20.28 -15.09 0.74
N LYS A 200 -19.69 -15.21 1.94
CA LYS A 200 -20.40 -15.80 3.07
C LYS A 200 -21.00 -14.75 4.00
N CYS A 201 -20.71 -13.48 3.78
CA CYS A 201 -21.22 -12.44 4.66
C CYS A 201 -22.68 -12.15 4.39
N PRO A 202 -23.54 -12.31 5.41
CA PRO A 202 -24.96 -12.05 5.17
C PRO A 202 -25.28 -10.62 4.73
N ASN A 203 -24.40 -9.65 5.03
CA ASN A 203 -24.66 -8.29 4.55
C ASN A 203 -24.56 -8.15 3.03
N ASN A 204 -23.95 -9.13 2.37
CA ASN A 204 -23.73 -9.06 0.94
C ASN A 204 -24.66 -9.96 0.15
N SER A 205 -25.61 -10.60 0.82
CA SER A 205 -26.44 -11.59 0.15
C SER A 205 -27.11 -11.04 -1.10
N GLY A 206 -27.08 -11.84 -2.16
CA GLY A 206 -27.64 -11.49 -3.45
C GLY A 206 -26.70 -10.69 -4.36
N GLN A 207 -25.60 -10.18 -3.80
CA GLN A 207 -24.70 -9.28 -4.53
C GLN A 207 -23.24 -9.59 -4.24
N SER A 208 -22.94 -10.72 -3.61
CA SER A 208 -21.58 -10.89 -3.09
C SER A 208 -20.51 -11.06 -4.16
N TRP A 209 -20.80 -11.76 -5.25
CA TRP A 209 -19.80 -11.86 -6.32
C TRP A 209 -19.59 -10.50 -6.98
N GLN A 210 -20.65 -9.71 -7.14
CA GLN A 210 -20.49 -8.36 -7.68
CA GLN A 210 -20.50 -8.37 -7.67
C GLN A 210 -19.57 -7.55 -6.76
N ARG A 211 -19.75 -7.68 -5.45
CA ARG A 211 -18.87 -6.96 -4.53
C ARG A 211 -17.46 -7.46 -4.66
N PHE A 212 -17.28 -8.78 -4.71
CA PHE A 212 -15.94 -9.33 -4.87
C PHE A 212 -15.22 -8.77 -6.10
N TYR A 213 -15.94 -8.70 -7.21
CA TYR A 213 -15.33 -8.11 -8.37
CA TYR A 213 -15.45 -8.08 -8.46
C TYR A 213 -15.04 -6.61 -8.25
N GLN A 214 -15.88 -5.87 -7.54
CA GLN A 214 -15.53 -4.47 -7.29
CA GLN A 214 -15.56 -4.46 -7.25
C GLN A 214 -14.26 -4.35 -6.43
N LEU A 215 -14.09 -5.22 -5.43
CA LEU A 215 -12.90 -5.19 -4.62
C LEU A 215 -11.65 -5.53 -5.42
N THR A 216 -11.71 -6.54 -6.28
CA THR A 216 -10.58 -6.88 -7.09
C THR A 216 -10.28 -5.83 -8.18
N LYS A 217 -11.31 -5.17 -8.70
CA LYS A 217 -11.09 -4.03 -9.59
C LYS A 217 -10.40 -2.89 -8.85
N LEU A 218 -10.78 -2.66 -7.60
CA LEU A 218 -10.14 -1.64 -6.78
CA LEU A 218 -10.13 -1.63 -6.81
C LEU A 218 -8.66 -1.97 -6.58
N LEU A 219 -8.36 -3.25 -6.29
CA LEU A 219 -6.95 -3.68 -6.18
C LEU A 219 -6.21 -3.38 -7.49
N ASP A 220 -6.79 -3.73 -8.62
CA ASP A 220 -6.15 -3.43 -9.89
C ASP A 220 -5.86 -1.95 -10.03
N SER A 221 -6.80 -1.11 -9.63
CA SER A 221 -6.61 0.33 -9.78
CA SER A 221 -6.66 0.34 -9.72
C SER A 221 -5.46 0.87 -8.94
N MET A 222 -5.05 0.15 -7.91
CA MET A 222 -3.89 0.59 -7.13
C MET A 222 -2.63 0.61 -7.99
N HIS A 223 -2.50 -0.30 -8.96
CA HIS A 223 -1.28 -0.29 -9.78
C HIS A 223 -1.09 1.03 -10.51
N ASP A 224 -2.17 1.59 -11.06
CA ASP A 224 -2.14 2.84 -11.81
CA ASP A 224 -1.95 2.80 -11.82
C ASP A 224 -1.58 3.97 -10.92
N LEU A 225 -2.21 4.09 -9.76
CA LEU A 225 -1.84 5.14 -8.82
C LEU A 225 -0.43 4.96 -8.31
N VAL A 226 -0.12 3.74 -7.90
CA VAL A 226 1.18 3.47 -7.30
C VAL A 226 2.32 3.67 -8.30
N SER A 227 2.11 3.28 -9.56
CA SER A 227 3.12 3.56 -10.57
C SER A 227 3.43 5.06 -10.64
N ASP A 228 2.38 5.87 -10.64
CA ASP A 228 2.55 7.32 -10.71
C ASP A 228 3.25 7.84 -9.45
N LEU A 229 2.87 7.37 -8.28
CA LEU A 229 3.53 7.79 -7.03
C LEU A 229 5.01 7.44 -7.07
N LEU A 230 5.32 6.20 -7.46
CA LEU A 230 6.70 5.76 -7.52
C LEU A 230 7.49 6.57 -8.51
N GLU A 231 6.94 6.91 -9.68
CA GLU A 231 7.72 7.69 -10.62
C GLU A 231 8.15 9.02 -10.01
N PHE A 232 7.24 9.68 -9.30
CA PHE A 232 7.62 10.96 -8.72
C PHE A 232 8.62 10.78 -7.57
N CYS A 233 8.43 9.72 -6.77
CA CYS A 233 9.34 9.46 -5.67
C CYS A 233 10.74 9.14 -6.20
N PHE A 234 10.82 8.35 -7.28
CA PHE A 234 12.12 8.03 -7.85
C PHE A 234 12.82 9.27 -8.38
N TYR A 235 12.06 10.21 -8.91
CA TYR A 235 12.61 11.46 -9.41
C TYR A 235 13.21 12.28 -8.27
N THR A 236 12.44 12.49 -7.21
CA THR A 236 12.97 13.31 -6.13
C THR A 236 14.08 12.58 -5.40
N PHE A 237 14.05 11.25 -5.37
CA PHE A 237 15.16 10.51 -4.79
C PHE A 237 16.47 10.75 -5.57
N ARG A 238 16.41 10.58 -6.88
CA ARG A 238 17.60 10.77 -7.69
C ARG A 238 18.13 12.22 -7.60
N GLU A 239 17.22 13.17 -7.44
CA GLU A 239 17.55 14.59 -7.42
C GLU A 239 17.49 15.13 -5.98
N SER A 240 17.63 14.24 -5.00
CA SER A 240 17.38 14.59 -3.60
C SER A 240 18.22 15.79 -3.14
N HIS A 241 19.51 15.76 -3.42
CA HIS A 241 20.37 16.81 -2.92
C HIS A 241 20.09 18.14 -3.62
N ALA A 242 19.84 18.08 -4.93
CA ALA A 242 19.54 19.29 -5.70
C ALA A 242 18.20 19.92 -5.31
N LEU A 243 17.22 19.06 -5.06
CA LEU A 243 15.87 19.51 -4.71
C LEU A 243 15.68 19.78 -3.23
N LYS A 244 16.64 19.36 -2.41
CA LYS A 244 16.56 19.48 -0.96
C LYS A 244 15.35 18.71 -0.41
N VAL A 245 15.14 17.51 -0.94
CA VAL A 245 14.12 16.62 -0.42
C VAL A 245 14.83 15.48 0.29
N GLU A 246 14.56 15.36 1.60
CA GLU A 246 15.29 14.37 2.40
C GLU A 246 14.58 13.03 2.42
N PHE A 247 15.37 11.97 2.54
CA PHE A 247 14.86 10.60 2.62
C PHE A 247 15.54 9.91 3.78
N PRO A 248 14.79 9.14 4.58
CA PRO A 248 15.40 8.37 5.67
C PRO A 248 16.09 7.10 5.15
N ALA A 249 16.97 6.55 5.97
CA ALA A 249 17.73 5.38 5.53
C ALA A 249 16.87 4.21 5.11
N MET A 250 15.72 4.00 5.74
CA MET A 250 14.83 2.91 5.33
CA MET A 250 14.84 2.91 5.32
C MET A 250 14.45 3.03 3.84
N LEU A 251 14.10 4.23 3.42
CA LEU A 251 13.74 4.45 2.02
C LEU A 251 14.96 4.43 1.11
N VAL A 252 16.11 4.91 1.57
CA VAL A 252 17.33 4.76 0.77
C VAL A 252 17.58 3.28 0.49
N GLU A 253 17.41 2.43 1.49
CA GLU A 253 17.62 0.98 1.28
C GLU A 253 16.67 0.43 0.23
N ILE A 254 15.38 0.70 0.40
CA ILE A 254 14.39 0.16 -0.50
C ILE A 254 14.62 0.66 -1.92
N ILE A 255 14.72 1.98 -2.06
CA ILE A 255 14.76 2.58 -3.37
C ILE A 255 16.08 2.26 -4.09
N SER A 256 17.20 2.24 -3.36
CA SER A 256 18.47 1.84 -3.98
C SER A 256 18.44 0.42 -4.51
N ASP A 257 17.73 -0.49 -3.83
CA ASP A 257 17.61 -1.88 -4.31
C ASP A 257 16.64 -1.95 -5.49
N GLN A 258 15.55 -1.21 -5.38
CA GLN A 258 14.43 -1.39 -6.30
CA GLN A 258 14.41 -1.35 -6.28
C GLN A 258 14.63 -0.63 -7.61
N LEU A 259 15.20 0.56 -7.57
CA LEU A 259 15.25 1.39 -8.76
C LEU A 259 16.01 0.73 -9.94
N PRO A 260 17.14 0.05 -9.70
CA PRO A 260 17.79 -0.61 -10.85
C PRO A 260 16.90 -1.70 -11.46
N LYS A 261 16.10 -2.36 -10.64
CA LYS A 261 15.20 -3.40 -11.15
C LYS A 261 14.10 -2.77 -11.98
N VAL A 262 13.60 -1.62 -11.54
CA VAL A 262 12.60 -0.90 -12.29
C VAL A 262 13.16 -0.42 -13.65
N GLU A 263 14.36 0.17 -13.61
CA GLU A 263 14.96 0.70 -14.82
C GLU A 263 15.27 -0.42 -15.83
N SER A 264 15.56 -1.62 -15.32
CA SER A 264 15.86 -2.76 -16.17
CA SER A 264 15.87 -2.74 -16.19
C SER A 264 14.62 -3.35 -16.82
N GLY A 265 13.44 -2.96 -16.33
CA GLY A 265 12.20 -3.52 -16.84
C GLY A 265 11.75 -4.80 -16.12
N ASN A 266 12.27 -5.04 -14.92
CA ASN A 266 12.02 -6.29 -14.23
C ASN A 266 10.86 -6.21 -13.24
N VAL A 267 9.71 -5.75 -13.71
CA VAL A 267 8.54 -5.54 -12.83
C VAL A 267 7.31 -6.00 -13.58
N LYS A 268 6.54 -6.91 -12.96
CA LYS A 268 5.29 -7.45 -13.51
C LYS A 268 4.18 -7.17 -12.50
N PRO A 269 3.33 -6.17 -12.77
CA PRO A 269 2.10 -6.00 -11.98
C PRO A 269 1.12 -7.11 -12.34
N LEU A 270 0.53 -7.72 -11.31
CA LEU A 270 -0.46 -8.75 -11.50
C LEU A 270 -1.84 -8.12 -11.40
N TYR A 271 -2.71 -8.41 -12.36
CA TYR A 271 -4.06 -7.89 -12.39
C TYR A 271 -5.07 -9.01 -12.29
N PHE A 272 -6.19 -8.72 -11.64
CA PHE A 272 -7.33 -9.63 -11.64
C PHE A 272 -8.15 -9.56 -12.92
N HIS A 273 -8.21 -8.38 -13.55
CA HIS A 273 -9.10 -8.15 -14.68
C HIS A 273 -8.40 -7.57 -15.90
N ARG A 274 -7.07 -7.57 -15.93
CA ARG A 274 -6.30 -7.17 -17.14
C ARG A 274 -5.30 -8.26 -17.53
N1 HFN B . 3.47 7.45 0.95
N3 HFN B . 8.20 11.75 -1.71
C4 HFN B . 6.40 10.27 -1.11
C5 HFN B . 5.28 9.48 -1.43
C6 HFN B . 4.81 9.44 -2.75
C7 HFN B . 5.45 10.20 -3.73
C8 HFN B . 7.07 11.01 -2.06
C10 HFN B . 8.07 12.80 -3.90
C13 HFN B . 2.06 10.36 -0.59
C15 HFN B . -0.12 10.10 -1.50
C17 HFN B . 1.13 8.14 -0.99
C20 HFN B . 2.36 7.79 3.15
C21 HFN B . 3.59 7.64 4.04
F3 HFN B . 2.30 9.12 2.87
F2 HFN B . 1.29 7.48 3.85
O3 HFN B . 3.81 6.28 4.39
C19 HFN B . 2.42 6.95 1.84
N2 HFN B . 4.75 7.06 1.24
C3 HFN B . 5.53 7.79 0.44
C18 HFN B . 7.02 7.63 0.45
C1 HFN B . 4.74 8.63 -0.37
C2 HFN B . 3.43 8.39 -0.02
C12 HFN B . 2.16 8.98 -0.55
C16 HFN B . -0.04 8.71 -1.49
F1 HFN B . -1.26 10.67 -1.94
C14 HFN B . 0.91 10.94 -1.08
C9 HFN B . 6.59 10.97 -3.37
O1 HFN B . 7.30 11.66 -4.32
C11 HFN B . 8.78 12.56 -2.56
O2 HFN B . 9.82 13.12 -2.30
C1 EDO C . 9.85 9.37 11.51
O1 EDO C . 10.52 10.51 12.02
C2 EDO C . 8.35 9.69 11.39
O2 EDO C . 8.12 10.81 10.54
C1 EDO D . 18.43 16.72 0.67
O1 EDO D . 19.02 18.04 0.85
C2 EDO D . 19.33 15.53 0.91
O2 EDO D . 20.09 15.81 2.07
C1 EDO E . -4.27 -17.49 4.50
O1 EDO E . -5.22 -18.53 4.36
C2 EDO E . -3.06 -17.94 5.33
O2 EDO E . -2.38 -19.03 4.73
C1 EDO F . 3.72 15.69 -9.12
O1 EDO F . 3.79 17.10 -9.20
C2 EDO F . 2.34 15.26 -9.61
O2 EDO F . 1.20 15.50 -8.69
C1 EDO G . 3.52 -6.91 14.16
O1 EDO G . 2.96 -5.95 13.28
C2 EDO G . 3.27 -6.51 15.60
O2 EDO G . 1.86 -6.53 15.79
C1 EDO H . -0.87 19.70 8.81
O1 EDO H . -2.02 20.01 8.01
C2 EDO H . -1.34 19.34 10.22
O2 EDO H . -2.30 18.29 10.13
C1 EDO I . 3.12 -1.27 -10.24
O1 EDO I . 4.03 -2.26 -9.73
C2 EDO I . 2.46 -0.52 -9.08
O2 EDO I . 1.84 -1.37 -8.08
C1 EDO J . 12.84 -3.69 2.83
O1 EDO J . 14.06 -3.30 2.15
C2 EDO J . 12.63 -5.19 2.95
O2 EDO J . 13.84 -5.81 3.37
#